data_3K6G
#
_entry.id   3K6G
#
_cell.length_a   42.568
_cell.length_b   72.105
_cell.length_c   150.993
_cell.angle_alpha   90.00
_cell.angle_beta   90.00
_cell.angle_gamma   90.00
#
_symmetry.space_group_name_H-M   'P 21 21 21'
#
loop_
_entity.id
_entity.type
_entity.pdbx_description
1 polymer 'Telomeric repeat-binding factor 2-interacting protein 1'
2 polymer 'Telomeric repeat-binding factor 2'
3 water water
#
loop_
_entity_poly.entity_id
_entity_poly.type
_entity_poly.pdbx_seq_one_letter_code
_entity_poly.pdbx_strand_id
1 'polypeptide(L)'
;SEEKVSQPEVGAAIKIIRQL(MSE)EKFNLDLSTVTQAFLKNSGELEATSAFLASGQRADGYPIWSRQDDIDLQKDDEDT
REALVKKFGAQNVARRIEFRKKGGSGGSGGSGGKL
;
A,B,C
2 'polypeptide(L)' QLRNPPTTIG(MSE)(MSE)TLKAAFKTLSGAQDSEAAFAKLDQKDLVLP D,E,F
#
# COMPACT_ATOMS: atom_id res chain seq x y z
N VAL A 5 -12.74 22.44 15.33
CA VAL A 5 -11.89 23.05 16.40
C VAL A 5 -12.61 24.21 17.08
N SER A 6 -12.57 24.25 18.40
CA SER A 6 -13.23 25.29 19.18
C SER A 6 -12.54 26.65 19.09
N GLN A 7 -13.31 27.71 19.29
CA GLN A 7 -12.77 29.06 19.25
C GLN A 7 -11.70 29.27 20.33
N PRO A 8 -11.90 28.70 21.53
CA PRO A 8 -10.90 28.87 22.59
C PRO A 8 -9.54 28.29 22.19
N GLU A 9 -9.56 27.12 21.54
CA GLU A 9 -8.32 26.47 21.12
C GLU A 9 -7.60 27.31 20.08
N VAL A 10 -8.35 27.85 19.12
CA VAL A 10 -7.76 28.67 18.08
C VAL A 10 -7.21 29.97 18.67
N GLY A 11 -7.96 30.56 19.61
CA GLY A 11 -7.50 31.80 20.23
C GLY A 11 -6.20 31.60 20.98
N ALA A 12 -6.11 30.51 21.73
CA ALA A 12 -4.90 30.23 22.50
C ALA A 12 -3.73 30.03 21.55
N ALA A 13 -3.96 29.30 20.47
CA ALA A 13 -2.92 29.04 19.49
C ALA A 13 -2.46 30.34 18.83
N ILE A 14 -3.41 31.20 18.48
CA ILE A 14 -3.07 32.48 17.85
C ILE A 14 -2.20 33.32 18.78
N LYS A 15 -2.52 33.31 20.07
CA LYS A 15 -1.74 34.07 21.05
C LYS A 15 -0.30 33.58 21.09
N ILE A 16 -0.13 32.26 21.19
CA ILE A 16 1.19 31.66 21.23
C ILE A 16 1.97 31.96 19.95
N ILE A 17 1.33 31.76 18.80
CA ILE A 17 1.97 32.03 17.52
C ILE A 17 2.42 33.48 17.43
N ARG A 18 1.59 34.41 17.87
CA ARG A 18 1.94 35.82 17.80
C ARG A 18 3.12 36.15 18.73
N GLN A 19 3.13 35.59 19.93
CA GLN A 19 4.21 35.84 20.86
C GLN A 19 5.54 35.35 20.28
N LEU A 20 5.54 34.17 19.69
CA LEU A 20 6.76 33.61 19.10
C LEU A 20 7.24 34.45 17.93
N GLU A 22 6.94 37.64 17.56
CA GLU A 22 7.53 38.87 18.07
C GLU A 22 8.83 38.60 18.83
N LYS A 23 8.81 37.56 19.66
CA LYS A 23 9.97 37.20 20.46
C LYS A 23 11.19 36.84 19.62
N PHE A 24 10.96 36.18 18.49
CA PHE A 24 12.04 35.77 17.60
C PHE A 24 12.07 36.55 16.29
N ASN A 25 11.18 37.52 16.16
CA ASN A 25 11.10 38.34 14.96
C ASN A 25 11.04 37.48 13.70
N LEU A 26 9.99 36.66 13.59
CA LEU A 26 9.80 35.77 12.45
C LEU A 26 8.41 35.97 11.84
N ASP A 27 8.24 35.58 10.58
CA ASP A 27 6.94 35.73 9.95
C ASP A 27 6.02 34.55 10.32
N LEU A 28 4.73 34.71 10.05
CA LEU A 28 3.73 33.70 10.36
C LEU A 28 4.08 32.30 9.86
N SER A 29 4.46 32.20 8.58
CA SER A 29 4.80 30.91 7.98
C SER A 29 5.95 30.17 8.65
N THR A 30 7.01 30.91 8.97
CA THR A 30 8.17 30.30 9.60
C THR A 30 7.80 29.69 10.94
N VAL A 31 7.06 30.46 11.74
CA VAL A 31 6.64 29.97 13.06
C VAL A 31 5.67 28.79 12.92
N THR A 32 4.72 28.90 12.01
CA THR A 32 3.75 27.85 11.79
C THR A 32 4.42 26.56 11.31
N GLN A 33 5.33 26.68 10.37
CA GLN A 33 6.04 25.53 9.84
C GLN A 33 6.88 24.87 10.93
N ALA A 34 7.43 25.66 11.83
CA ALA A 34 8.24 25.12 12.91
C ALA A 34 7.36 24.25 13.81
N PHE A 35 6.16 24.73 14.11
CA PHE A 35 5.23 23.96 14.94
C PHE A 35 4.90 22.64 14.25
N LEU A 36 4.69 22.70 12.94
CA LEU A 36 4.36 21.51 12.16
C LEU A 36 5.47 20.45 12.23
N LYS A 37 6.73 20.88 12.20
CA LYS A 37 7.84 19.93 12.26
C LYS A 37 8.13 19.46 13.69
N ASN A 38 7.56 20.16 14.67
CA ASN A 38 7.76 19.81 16.07
C ASN A 38 6.49 19.27 16.71
N SER A 39 5.58 18.82 15.86
CA SER A 39 4.32 18.24 16.29
C SER A 39 3.52 19.11 17.26
N GLY A 40 3.54 20.42 17.04
CA GLY A 40 2.77 21.34 17.87
C GLY A 40 3.22 21.57 19.30
N GLU A 41 4.42 21.09 19.64
CA GLU A 41 4.93 21.26 21.01
C GLU A 41 5.56 22.64 21.20
N LEU A 42 5.05 23.37 22.19
CA LEU A 42 5.55 24.72 22.50
C LEU A 42 7.03 24.78 22.88
N GLU A 43 7.40 24.06 23.94
CA GLU A 43 8.79 24.07 24.41
C GLU A 43 9.78 23.74 23.29
N ALA A 44 9.57 22.60 22.64
CA ALA A 44 10.44 22.17 21.56
C ALA A 44 10.50 23.19 20.43
N THR A 45 9.35 23.74 20.07
CA THR A 45 9.31 24.72 18.99
C THR A 45 10.05 26.00 19.35
N SER A 46 9.87 26.48 20.58
CA SER A 46 10.55 27.70 21.02
C SER A 46 12.05 27.44 21.15
N ALA A 47 12.40 26.29 21.70
CA ALA A 47 13.81 25.92 21.86
C ALA A 47 14.44 25.82 20.46
N PHE A 48 13.66 25.34 19.50
CA PHE A 48 14.13 25.19 18.13
C PHE A 48 14.36 26.54 17.47
N LEU A 49 13.38 27.42 17.61
CA LEU A 49 13.46 28.75 17.03
C LEU A 49 14.61 29.57 17.64
N ALA A 50 14.96 29.26 18.89
CA ALA A 50 16.02 29.97 19.59
C ALA A 50 17.42 29.43 19.32
N SER A 51 17.56 28.11 19.20
CA SER A 51 18.87 27.50 19.00
C SER A 51 19.04 26.68 17.72
N GLY A 52 17.93 26.25 17.13
CA GLY A 52 18.03 25.44 15.92
C GLY A 52 17.97 23.97 16.26
N GLN A 53 17.81 23.68 17.55
CA GLN A 53 17.73 22.30 18.02
C GLN A 53 16.62 22.16 19.03
N ARG A 54 15.93 21.02 19.01
CA ARG A 54 14.89 20.78 19.99
C ARG A 54 15.65 20.63 21.30
N ALA A 55 14.93 20.69 22.41
CA ALA A 55 15.57 20.57 23.71
C ALA A 55 15.73 19.12 24.18
N ASP A 56 15.09 18.19 23.50
CA ASP A 56 15.15 16.78 23.91
C ASP A 56 16.24 15.92 23.29
N GLY A 57 17.08 16.50 22.44
CA GLY A 57 18.15 15.73 21.85
C GLY A 57 17.75 14.88 20.65
N TYR A 58 16.69 15.32 19.95
CA TYR A 58 16.20 14.63 18.76
C TYR A 58 15.94 15.65 17.65
N PRO A 59 15.93 15.21 16.39
CA PRO A 59 15.70 16.13 15.28
C PRO A 59 14.21 16.43 15.04
N ILE A 60 13.94 17.41 14.19
CA ILE A 60 12.55 17.74 13.88
C ILE A 60 12.11 16.80 12.77
N TRP A 61 10.81 16.76 12.47
CA TRP A 61 10.31 15.87 11.44
C TRP A 61 10.45 16.38 10.01
N SER A 62 10.80 15.47 9.10
CA SER A 62 10.94 15.79 7.68
C SER A 62 9.85 15.06 6.89
N ARG A 63 9.68 15.44 5.63
CA ARG A 63 8.66 14.83 4.78
C ARG A 63 8.88 13.31 4.68
N GLN A 64 10.12 12.90 4.47
CA GLN A 64 10.41 11.48 4.35
C GLN A 64 10.07 10.74 5.64
N ASP A 65 10.30 11.37 6.79
CA ASP A 65 9.99 10.74 8.06
C ASP A 65 8.47 10.53 8.20
N ASP A 66 7.70 11.53 7.80
CA ASP A 66 6.24 11.42 7.86
C ASP A 66 5.75 10.33 6.93
N ILE A 67 6.38 10.21 5.76
CA ILE A 67 6.00 9.17 4.82
C ILE A 67 6.35 7.81 5.42
N ASP A 68 7.56 7.69 5.95
CA ASP A 68 8.00 6.44 6.57
C ASP A 68 7.09 6.03 7.71
N LEU A 69 6.61 7.01 8.47
CA LEU A 69 5.75 6.76 9.61
C LEU A 69 4.48 5.97 9.26
N GLN A 70 4.02 6.12 8.02
CA GLN A 70 2.80 5.45 7.59
C GLN A 70 3.04 4.09 6.93
N LYS A 71 4.29 3.64 6.89
CA LYS A 71 4.63 2.36 6.29
C LYS A 71 4.43 1.23 7.30
N ASP A 72 3.66 0.22 6.92
CA ASP A 72 3.44 -0.93 7.79
C ASP A 72 4.65 -1.83 7.58
N ASP A 73 5.76 -1.45 8.20
CA ASP A 73 7.01 -2.18 8.07
C ASP A 73 7.78 -2.07 9.37
N GLU A 74 8.08 -3.22 9.98
CA GLU A 74 8.81 -3.25 11.25
C GLU A 74 10.17 -2.59 11.19
N ASP A 75 10.95 -2.87 10.17
CA ASP A 75 12.29 -2.28 10.05
C ASP A 75 12.25 -0.77 9.92
N THR A 76 11.25 -0.26 9.20
CA THR A 76 11.12 1.18 9.01
C THR A 76 10.77 1.84 10.35
N ARG A 77 9.84 1.26 11.08
CA ARG A 77 9.41 1.80 12.36
C ARG A 77 10.52 1.76 13.42
N GLU A 78 11.38 0.75 13.36
CA GLU A 78 12.49 0.67 14.31
C GLU A 78 13.46 1.80 14.02
N ALA A 79 13.69 2.05 12.73
CA ALA A 79 14.61 3.11 12.31
C ALA A 79 14.09 4.48 12.78
N LEU A 80 12.78 4.64 12.79
CA LEU A 80 12.18 5.89 13.24
C LEU A 80 12.34 6.03 14.75
N VAL A 81 12.13 4.93 15.47
CA VAL A 81 12.25 4.93 16.92
C VAL A 81 13.69 5.29 17.33
N LYS A 82 14.66 4.79 16.57
CA LYS A 82 16.05 5.08 16.86
C LYS A 82 16.39 6.54 16.56
N LYS A 83 15.76 7.08 15.51
CA LYS A 83 16.02 8.46 15.13
C LYS A 83 15.31 9.49 16.01
N PHE A 84 14.10 9.19 16.45
CA PHE A 84 13.31 10.12 17.26
C PHE A 84 12.99 9.69 18.69
N GLY A 85 13.07 8.39 18.96
CA GLY A 85 12.73 7.91 20.29
C GLY A 85 11.27 7.48 20.23
N ALA A 86 10.91 6.44 20.99
CA ALA A 86 9.54 5.94 21.00
C ALA A 86 8.47 6.96 21.37
N GLN A 87 8.78 7.83 22.32
CA GLN A 87 7.82 8.84 22.74
C GLN A 87 7.47 9.80 21.61
N ASN A 88 8.48 10.40 20.99
CA ASN A 88 8.24 11.33 19.90
C ASN A 88 7.51 10.68 18.73
N VAL A 89 7.79 9.40 18.48
CA VAL A 89 7.13 8.71 17.39
C VAL A 89 5.64 8.59 17.71
N ALA A 90 5.34 8.26 18.96
CA ALA A 90 3.94 8.12 19.39
C ALA A 90 3.22 9.46 19.27
N ARG A 91 3.90 10.54 19.63
CA ARG A 91 3.31 11.86 19.56
C ARG A 91 3.10 12.29 18.11
N ARG A 92 3.95 11.82 17.21
CA ARG A 92 3.84 12.19 15.80
C ARG A 92 2.60 11.54 15.19
N ILE A 93 2.40 10.26 15.49
CA ILE A 93 1.24 9.53 14.99
C ILE A 93 -0.02 10.24 15.46
N GLU A 94 -0.05 10.58 16.74
CA GLU A 94 -1.19 11.28 17.34
C GLU A 94 -1.40 12.63 16.67
N PHE A 95 -0.31 13.37 16.46
CA PHE A 95 -0.38 14.69 15.84
C PHE A 95 -0.92 14.60 14.41
N ARG A 96 -0.44 13.62 13.65
CA ARG A 96 -0.83 13.42 12.25
C ARG A 96 -2.20 12.78 12.03
N LYS A 97 -2.74 12.13 13.06
CA LYS A 97 -4.03 11.46 12.99
C LYS A 97 -5.06 12.21 12.15
N SER B 6 0.64 -1.20 -23.70
CA SER B 6 1.90 -0.99 -24.47
C SER B 6 2.88 -0.10 -23.69
N GLN B 7 4.14 -0.15 -24.09
CA GLN B 7 5.18 0.65 -23.43
C GLN B 7 5.00 2.16 -23.58
N PRO B 8 4.39 2.62 -24.68
CA PRO B 8 4.22 4.07 -24.81
C PRO B 8 3.37 4.61 -23.66
N GLU B 9 2.23 3.96 -23.42
CA GLU B 9 1.33 4.35 -22.35
C GLU B 9 2.05 4.19 -21.01
N VAL B 10 2.91 3.17 -20.92
CA VAL B 10 3.68 2.92 -19.71
C VAL B 10 4.66 4.06 -19.48
N GLY B 11 5.36 4.45 -20.54
CA GLY B 11 6.31 5.55 -20.42
C GLY B 11 5.60 6.84 -20.05
N ALA B 12 4.39 7.00 -20.59
CA ALA B 12 3.59 8.19 -20.33
C ALA B 12 3.10 8.18 -18.88
N ALA B 13 2.76 6.99 -18.39
CA ALA B 13 2.28 6.85 -17.01
C ALA B 13 3.43 7.16 -16.06
N ILE B 14 4.63 6.73 -16.43
CA ILE B 14 5.81 6.98 -15.60
C ILE B 14 6.07 8.47 -15.39
N LYS B 15 5.95 9.25 -16.46
CA LYS B 15 6.17 10.69 -16.35
C LYS B 15 5.13 11.32 -15.43
N ILE B 16 3.88 10.95 -15.62
CA ILE B 16 2.80 11.47 -14.79
C ILE B 16 3.03 11.17 -13.31
N ILE B 17 3.43 9.94 -13.02
CA ILE B 17 3.68 9.54 -11.63
C ILE B 17 4.84 10.36 -11.06
N ARG B 18 5.90 10.51 -11.83
CA ARG B 18 7.07 11.29 -11.39
C ARG B 18 6.69 12.73 -11.11
N GLN B 19 5.87 13.31 -11.99
CA GLN B 19 5.43 14.70 -11.81
C GLN B 19 4.62 14.87 -10.53
N LEU B 20 3.73 13.91 -10.24
CA LEU B 20 2.92 14.00 -9.03
C LEU B 20 3.79 13.78 -7.80
N GLU B 22 6.89 14.67 -7.36
CA GLU B 22 7.60 15.91 -7.04
C GLU B 22 6.68 17.07 -6.65
N LYS B 23 5.54 17.17 -7.32
CA LYS B 23 4.59 18.24 -7.02
C LYS B 23 4.10 18.18 -5.57
N PHE B 24 3.85 16.98 -5.08
CA PHE B 24 3.36 16.79 -3.72
C PHE B 24 4.42 16.24 -2.77
N ASN B 25 5.63 16.04 -3.27
CA ASN B 25 6.72 15.47 -2.47
C ASN B 25 6.26 14.17 -1.81
N LEU B 26 5.81 13.24 -2.64
CA LEU B 26 5.35 11.94 -2.18
C LEU B 26 6.22 10.87 -2.81
N ASP B 27 6.22 9.68 -2.22
CA ASP B 27 7.02 8.60 -2.78
C ASP B 27 6.21 7.83 -3.81
N LEU B 28 6.90 6.94 -4.52
CA LEU B 28 6.28 6.12 -5.57
C LEU B 28 5.05 5.38 -5.08
N SER B 29 5.18 4.73 -3.93
CA SER B 29 4.09 3.94 -3.36
C SER B 29 2.81 4.72 -3.09
N THR B 30 2.94 5.89 -2.49
CA THR B 30 1.78 6.70 -2.16
C THR B 30 1.05 7.18 -3.41
N VAL B 31 1.79 7.64 -4.41
CA VAL B 31 1.17 8.11 -5.65
C VAL B 31 0.48 6.95 -6.38
N THR B 32 1.17 5.82 -6.46
CA THR B 32 0.61 4.66 -7.12
C THR B 32 -0.68 4.25 -6.40
N GLN B 33 -0.61 4.22 -5.07
CA GLN B 33 -1.76 3.84 -4.26
C GLN B 33 -2.91 4.81 -4.46
N ALA B 34 -2.60 6.09 -4.60
CA ALA B 34 -3.63 7.10 -4.81
C ALA B 34 -4.34 6.86 -6.16
N PHE B 35 -3.58 6.50 -7.19
CA PHE B 35 -4.19 6.21 -8.49
C PHE B 35 -5.07 4.98 -8.34
N LEU B 36 -4.61 4.00 -7.56
CA LEU B 36 -5.37 2.78 -7.36
C LEU B 36 -6.72 3.02 -6.69
N LYS B 37 -6.78 3.93 -5.72
CA LYS B 37 -8.04 4.19 -5.03
C LYS B 37 -8.95 5.14 -5.79
N ASN B 38 -8.42 5.78 -6.82
CA ASN B 38 -9.19 6.70 -7.65
C ASN B 38 -9.40 6.14 -9.06
N SER B 39 -9.31 4.82 -9.19
CA SER B 39 -9.51 4.13 -10.47
C SER B 39 -8.69 4.70 -11.63
N GLY B 40 -7.46 5.13 -11.34
CA GLY B 40 -6.58 5.64 -12.39
C GLY B 40 -6.89 6.99 -13.00
N GLU B 41 -7.88 7.70 -12.46
CA GLU B 41 -8.25 9.03 -12.99
C GLU B 41 -7.16 10.06 -12.65
N LEU B 42 -6.56 10.66 -13.68
CA LEU B 42 -5.50 11.64 -13.42
C LEU B 42 -5.99 12.89 -12.69
N GLU B 43 -7.02 13.53 -13.22
CA GLU B 43 -7.52 14.74 -12.58
C GLU B 43 -8.04 14.48 -11.16
N ALA B 44 -8.83 13.43 -10.97
CA ALA B 44 -9.37 13.13 -9.66
C ALA B 44 -8.25 12.78 -8.68
N THR B 45 -7.27 12.00 -9.14
CA THR B 45 -6.15 11.63 -8.29
C THR B 45 -5.40 12.88 -7.87
N SER B 46 -5.07 13.72 -8.84
CA SER B 46 -4.35 14.94 -8.55
C SER B 46 -5.11 15.84 -7.57
N ALA B 47 -6.40 16.02 -7.80
CA ALA B 47 -7.21 16.85 -6.91
C ALA B 47 -7.24 16.25 -5.51
N PHE B 48 -7.34 14.93 -5.42
CA PHE B 48 -7.37 14.25 -4.14
C PHE B 48 -6.08 14.45 -3.35
N LEU B 49 -4.94 14.34 -4.04
CA LEU B 49 -3.66 14.53 -3.38
C LEU B 49 -3.49 15.97 -2.88
N ALA B 50 -4.03 16.91 -3.64
CA ALA B 50 -3.90 18.32 -3.28
C ALA B 50 -4.77 18.75 -2.10
N SER B 51 -6.00 18.23 -2.03
CA SER B 51 -6.92 18.62 -0.96
C SER B 51 -7.38 17.50 -0.04
N GLY B 52 -6.97 16.26 -0.32
CA GLY B 52 -7.36 15.15 0.52
C GLY B 52 -8.78 14.67 0.27
N GLN B 53 -9.43 15.22 -0.75
CA GLN B 53 -10.79 14.82 -1.09
C GLN B 53 -11.02 14.97 -2.59
N ARG B 54 -11.89 14.11 -3.13
CA ARG B 54 -12.20 14.14 -4.56
C ARG B 54 -13.10 15.31 -4.91
N ALA B 55 -12.97 15.79 -6.15
CA ALA B 55 -13.76 16.91 -6.64
C ALA B 55 -15.25 16.59 -6.80
N ASP B 56 -15.58 15.33 -7.05
CA ASP B 56 -16.98 14.98 -7.20
C ASP B 56 -17.67 14.76 -5.86
N GLY B 57 -16.91 14.95 -4.78
CA GLY B 57 -17.47 14.82 -3.45
C GLY B 57 -17.63 13.41 -2.94
N TYR B 58 -17.25 12.43 -3.75
CA TYR B 58 -17.37 11.03 -3.34
C TYR B 58 -16.06 10.55 -2.72
N PRO B 59 -16.13 9.46 -1.94
CA PRO B 59 -14.90 8.96 -1.30
C PRO B 59 -14.06 8.11 -2.26
N ILE B 60 -12.83 7.84 -1.85
CA ILE B 60 -11.96 7.00 -2.66
C ILE B 60 -12.36 5.58 -2.31
N TRP B 61 -11.91 4.61 -3.10
CA TRP B 61 -12.24 3.22 -2.83
C TRP B 61 -11.37 2.56 -1.76
N SER B 62 -12.01 1.76 -0.90
CA SER B 62 -11.31 1.05 0.15
C SER B 62 -11.38 -0.43 -0.24
N ARG B 63 -10.57 -1.25 0.43
CA ARG B 63 -10.54 -2.67 0.14
C ARG B 63 -11.91 -3.32 0.32
N GLN B 64 -12.60 -2.95 1.40
CA GLN B 64 -13.93 -3.54 1.66
C GLN B 64 -14.91 -3.19 0.55
N ASP B 65 -14.80 -1.98 0.01
CA ASP B 65 -15.68 -1.55 -1.07
C ASP B 65 -15.42 -2.42 -2.31
N ASP B 66 -14.13 -2.64 -2.61
CA ASP B 66 -13.77 -3.46 -3.77
C ASP B 66 -14.24 -4.90 -3.61
N ILE B 67 -14.18 -5.43 -2.39
CA ILE B 67 -14.65 -6.79 -2.14
C ILE B 67 -16.16 -6.81 -2.33
N ASP B 68 -16.84 -5.79 -1.79
CA ASP B 68 -18.29 -5.69 -1.93
C ASP B 68 -18.72 -5.57 -3.40
N LEU B 69 -17.89 -4.91 -4.20
CA LEU B 69 -18.20 -4.72 -5.62
C LEU B 69 -18.33 -6.02 -6.39
N GLN B 70 -17.68 -7.07 -5.88
CA GLN B 70 -17.71 -8.38 -6.53
C GLN B 70 -18.97 -9.15 -6.16
N LYS B 71 -19.59 -8.80 -5.04
CA LYS B 71 -20.80 -9.48 -4.58
C LYS B 71 -22.00 -9.28 -5.50
N ASP B 72 -22.47 -10.39 -6.08
CA ASP B 72 -23.63 -10.36 -6.96
C ASP B 72 -24.86 -10.25 -6.07
N ASP B 73 -24.92 -9.19 -5.29
CA ASP B 73 -26.03 -8.95 -4.37
C ASP B 73 -26.70 -7.61 -4.67
N GLU B 74 -28.02 -7.62 -4.69
CA GLU B 74 -28.81 -6.44 -5.00
C GLU B 74 -28.59 -5.29 -4.00
N ASP B 75 -28.78 -5.58 -2.71
CA ASP B 75 -28.61 -4.57 -1.67
C ASP B 75 -27.19 -4.02 -1.62
N THR B 76 -26.20 -4.90 -1.74
CA THR B 76 -24.81 -4.48 -1.69
C THR B 76 -24.48 -3.54 -2.85
N ARG B 77 -24.95 -3.88 -4.03
CA ARG B 77 -24.70 -3.05 -5.21
C ARG B 77 -25.41 -1.70 -5.08
N GLU B 78 -26.61 -1.69 -4.54
CA GLU B 78 -27.35 -0.45 -4.36
C GLU B 78 -26.64 0.41 -3.33
N ALA B 79 -26.09 -0.25 -2.30
CA ALA B 79 -25.38 0.45 -1.24
C ALA B 79 -24.13 1.15 -1.80
N LEU B 80 -23.46 0.50 -2.75
CA LEU B 80 -22.27 1.07 -3.35
C LEU B 80 -22.62 2.24 -4.26
N VAL B 81 -23.74 2.12 -4.98
CA VAL B 81 -24.16 3.19 -5.88
C VAL B 81 -24.50 4.43 -5.09
N LYS B 82 -25.02 4.26 -3.87
CA LYS B 82 -25.36 5.40 -3.03
C LYS B 82 -24.10 6.03 -2.49
N LYS B 83 -23.13 5.19 -2.13
CA LYS B 83 -21.87 5.66 -1.58
C LYS B 83 -20.92 6.29 -2.58
N PHE B 84 -20.88 5.78 -3.81
CA PHE B 84 -19.96 6.27 -4.82
C PHE B 84 -20.59 6.94 -6.05
N GLY B 85 -21.88 6.69 -6.27
CA GLY B 85 -22.55 7.25 -7.44
C GLY B 85 -22.46 6.22 -8.56
N ALA B 86 -23.45 6.19 -9.44
CA ALA B 86 -23.47 5.23 -10.55
C ALA B 86 -22.24 5.26 -11.44
N GLN B 87 -21.78 6.45 -11.79
CA GLN B 87 -20.61 6.61 -12.64
C GLN B 87 -19.33 5.98 -12.05
N ASN B 88 -19.04 6.29 -10.79
CA ASN B 88 -17.85 5.74 -10.16
C ASN B 88 -17.93 4.23 -10.05
N VAL B 89 -19.12 3.69 -9.80
CA VAL B 89 -19.25 2.24 -9.68
C VAL B 89 -18.97 1.55 -11.01
N ALA B 90 -19.49 2.09 -12.10
CA ALA B 90 -19.27 1.49 -13.41
C ALA B 90 -17.79 1.60 -13.75
N ARG B 91 -17.20 2.75 -13.43
CA ARG B 91 -15.79 2.99 -13.70
C ARG B 91 -14.92 2.01 -12.90
N ARG B 92 -15.31 1.74 -11.65
CA ARG B 92 -14.56 0.83 -10.79
C ARG B 92 -14.59 -0.60 -11.36
N ILE B 93 -15.78 -1.01 -11.83
CA ILE B 93 -15.92 -2.34 -12.41
C ILE B 93 -14.99 -2.47 -13.61
N GLU B 94 -14.97 -1.44 -14.46
CA GLU B 94 -14.11 -1.45 -15.64
C GLU B 94 -12.63 -1.37 -15.27
N PHE B 95 -12.31 -0.59 -14.25
CA PHE B 95 -10.92 -0.45 -13.82
C PHE B 95 -10.36 -1.76 -13.28
N ARG B 96 -11.12 -2.44 -12.44
CA ARG B 96 -10.65 -3.70 -11.86
C ARG B 96 -10.90 -4.94 -12.72
N LYS B 97 -11.55 -4.79 -13.85
CA LYS B 97 -11.80 -5.94 -14.70
C LYS B 97 -10.58 -6.22 -15.57
N VAL C 5 -12.22 -20.96 -16.10
CA VAL C 5 -12.24 -22.05 -15.08
C VAL C 5 -13.65 -22.65 -14.98
N SER C 6 -13.81 -23.88 -15.44
CA SER C 6 -15.09 -24.54 -15.39
C SER C 6 -15.46 -24.88 -13.94
N GLN C 7 -16.76 -24.93 -13.66
CA GLN C 7 -17.24 -25.26 -12.32
C GLN C 7 -16.95 -26.69 -11.92
N PRO C 8 -17.03 -27.65 -12.87
CA PRO C 8 -16.77 -29.05 -12.52
C PRO C 8 -15.31 -29.26 -12.10
N GLU C 9 -14.41 -28.46 -12.65
CA GLU C 9 -13.00 -28.57 -12.32
C GLU C 9 -12.78 -28.07 -10.89
N VAL C 10 -13.45 -26.97 -10.55
CA VAL C 10 -13.35 -26.40 -9.22
C VAL C 10 -13.92 -27.41 -8.23
N GLY C 11 -15.01 -28.06 -8.63
CA GLY C 11 -15.63 -29.05 -7.77
C GLY C 11 -14.64 -30.16 -7.49
N ALA C 12 -13.99 -30.65 -8.54
CA ALA C 12 -13.00 -31.71 -8.41
C ALA C 12 -11.88 -31.25 -7.50
N ALA C 13 -11.38 -30.03 -7.75
CA ALA C 13 -10.30 -29.47 -6.95
C ALA C 13 -10.69 -29.44 -5.47
N ILE C 14 -11.92 -29.01 -5.19
CA ILE C 14 -12.40 -28.94 -3.82
C ILE C 14 -12.39 -30.33 -3.17
N LYS C 15 -12.89 -31.34 -3.89
CA LYS C 15 -12.91 -32.68 -3.34
C LYS C 15 -11.49 -33.16 -3.06
N ILE C 16 -10.59 -32.91 -4.01
CA ILE C 16 -9.19 -33.30 -3.86
C ILE C 16 -8.60 -32.62 -2.64
N ILE C 17 -8.72 -31.30 -2.57
CA ILE C 17 -8.19 -30.54 -1.44
C ILE C 17 -8.76 -31.03 -0.12
N ARG C 18 -10.07 -31.29 -0.09
CA ARG C 18 -10.72 -31.77 1.12
C ARG C 18 -10.20 -33.15 1.52
N GLN C 19 -10.04 -34.05 0.55
CA GLN C 19 -9.54 -35.39 0.86
C GLN C 19 -8.13 -35.33 1.43
N LEU C 20 -7.29 -34.46 0.87
CA LEU C 20 -5.92 -34.32 1.37
C LEU C 20 -5.88 -33.73 2.77
N GLU C 22 -8.11 -34.07 5.22
CA GLU C 22 -8.47 -35.11 6.18
C GLU C 22 -7.43 -36.23 6.22
N LYS C 23 -6.84 -36.54 5.07
CA LYS C 23 -5.85 -37.60 4.98
C LYS C 23 -4.58 -37.30 5.77
N PHE C 24 -4.11 -36.06 5.72
CA PHE C 24 -2.89 -35.68 6.44
C PHE C 24 -3.17 -34.83 7.67
N ASN C 25 -4.44 -34.57 7.94
CA ASN C 25 -4.83 -33.78 9.10
C ASN C 25 -4.25 -32.37 9.02
N LEU C 26 -4.39 -31.75 7.85
CA LEU C 26 -3.89 -30.40 7.61
C LEU C 26 -5.02 -29.43 7.28
N ASP C 27 -4.81 -28.15 7.57
CA ASP C 27 -5.82 -27.14 7.28
C ASP C 27 -5.80 -26.72 5.81
N LEU C 28 -6.80 -25.94 5.42
CA LEU C 28 -6.93 -25.47 4.04
C LEU C 28 -5.70 -24.71 3.52
N SER C 29 -5.22 -23.74 4.31
CA SER C 29 -4.05 -22.95 3.90
C SER C 29 -2.82 -23.81 3.61
N THR C 30 -2.53 -24.76 4.49
CA THR C 30 -1.37 -25.63 4.32
C THR C 30 -1.44 -26.46 3.04
N VAL C 31 -2.58 -27.11 2.79
CA VAL C 31 -2.73 -27.91 1.59
C VAL C 31 -2.66 -27.04 0.34
N THR C 32 -3.38 -25.92 0.36
CA THR C 32 -3.38 -25.01 -0.78
C THR C 32 -1.96 -24.50 -1.07
N GLN C 33 -1.24 -24.12 -0.02
CA GLN C 33 0.10 -23.63 -0.22
C GLN C 33 1.02 -24.75 -0.73
N ALA C 34 0.74 -25.98 -0.33
CA ALA C 34 1.55 -27.12 -0.77
C ALA C 34 1.36 -27.29 -2.28
N PHE C 35 0.12 -27.16 -2.73
CA PHE C 35 -0.18 -27.29 -4.16
C PHE C 35 0.52 -26.18 -4.93
N LEU C 36 0.55 -24.98 -4.36
CA LEU C 36 1.19 -23.84 -4.99
C LEU C 36 2.70 -24.03 -5.19
N LYS C 37 3.38 -24.59 -4.19
CA LYS C 37 4.81 -24.78 -4.28
C LYS C 37 5.17 -26.00 -5.12
N ASN C 38 4.17 -26.83 -5.44
CA ASN C 38 4.40 -28.03 -6.24
C ASN C 38 3.75 -27.96 -7.61
N SER C 39 3.39 -26.75 -8.03
CA SER C 39 2.79 -26.51 -9.34
C SER C 39 1.50 -27.26 -9.64
N GLY C 40 0.67 -27.44 -8.60
CA GLY C 40 -0.61 -28.10 -8.77
C GLY C 40 -0.61 -29.59 -9.05
N GLU C 41 0.56 -30.22 -9.05
CA GLU C 41 0.67 -31.65 -9.32
C GLU C 41 0.01 -32.46 -8.21
N LEU C 42 -1.05 -33.18 -8.55
CA LEU C 42 -1.77 -33.99 -7.58
C LEU C 42 -0.87 -35.03 -6.91
N GLU C 43 -0.35 -35.96 -7.69
CA GLU C 43 0.52 -37.00 -7.13
C GLU C 43 1.75 -36.43 -6.44
N ALA C 44 2.42 -35.49 -7.08
CA ALA C 44 3.61 -34.87 -6.50
C ALA C 44 3.29 -34.20 -5.17
N THR C 45 2.19 -33.44 -5.12
CA THR C 45 1.81 -32.77 -3.88
C THR C 45 1.42 -33.80 -2.83
N SER C 46 0.70 -34.83 -3.25
CA SER C 46 0.27 -35.88 -2.34
C SER C 46 1.49 -36.56 -1.72
N ALA C 47 2.48 -36.88 -2.56
CA ALA C 47 3.69 -37.53 -2.07
C ALA C 47 4.50 -36.58 -1.17
N PHE C 48 4.44 -35.29 -1.48
CA PHE C 48 5.17 -34.29 -0.70
C PHE C 48 4.70 -34.14 0.74
N LEU C 49 3.39 -34.09 0.93
CA LEU C 49 2.83 -33.93 2.26
C LEU C 49 3.16 -35.15 3.12
N ALA C 50 3.23 -36.31 2.48
CA ALA C 50 3.53 -37.55 3.17
C ALA C 50 4.90 -37.55 3.85
N SER C 51 5.97 -37.50 3.05
CA SER C 51 7.33 -37.53 3.60
C SER C 51 8.03 -36.20 3.85
N GLY C 52 7.41 -35.09 3.44
CA GLY C 52 8.05 -33.80 3.66
C GLY C 52 9.04 -33.43 2.58
N GLN C 53 9.04 -34.21 1.50
CA GLN C 53 9.91 -33.97 0.35
C GLN C 53 9.25 -34.50 -0.90
N ARG C 54 9.59 -33.92 -2.04
CA ARG C 54 9.03 -34.38 -3.30
C ARG C 54 9.65 -35.72 -3.62
N ALA C 55 8.84 -36.60 -4.20
CA ALA C 55 9.31 -37.93 -4.57
C ALA C 55 10.41 -37.87 -5.62
N ASP C 56 10.37 -36.85 -6.49
CA ASP C 56 11.38 -36.74 -7.54
C ASP C 56 12.75 -36.22 -7.09
N GLY C 57 12.90 -35.97 -5.78
CA GLY C 57 14.17 -35.52 -5.26
C GLY C 57 14.54 -34.07 -5.49
N TYR C 58 13.62 -33.28 -6.03
CA TYR C 58 13.86 -31.87 -6.28
C TYR C 58 13.16 -31.05 -5.21
N PRO C 59 13.60 -29.81 -4.98
CA PRO C 59 12.94 -28.99 -3.96
C PRO C 59 11.62 -28.41 -4.47
N ILE C 60 10.83 -27.86 -3.56
CA ILE C 60 9.56 -27.24 -3.96
C ILE C 60 9.95 -25.81 -4.33
N TRP C 61 9.05 -25.08 -4.96
CA TRP C 61 9.36 -23.71 -5.36
C TRP C 61 9.27 -22.64 -4.28
N SER C 62 10.24 -21.74 -4.26
CA SER C 62 10.26 -20.64 -3.30
C SER C 62 9.91 -19.36 -4.05
N ARG C 63 9.65 -18.28 -3.33
CA ARG C 63 9.31 -17.01 -3.98
C ARG C 63 10.46 -16.51 -4.84
N GLN C 64 11.68 -16.59 -4.32
CA GLN C 64 12.85 -16.12 -5.08
C GLN C 64 13.01 -16.90 -6.37
N ASP C 65 12.68 -18.20 -6.35
CA ASP C 65 12.78 -19.03 -7.55
C ASP C 65 11.77 -18.56 -8.59
N ASP C 66 10.55 -18.25 -8.14
CA ASP C 66 9.51 -17.78 -9.07
C ASP C 66 9.89 -16.43 -9.67
N ILE C 67 10.53 -15.58 -8.88
CA ILE C 67 10.95 -14.28 -9.36
C ILE C 67 12.05 -14.49 -10.40
N ASP C 68 13.00 -15.36 -10.09
CA ASP C 68 14.09 -15.64 -11.00
C ASP C 68 13.62 -16.24 -12.32
N LEU C 69 12.56 -17.04 -12.25
CA LEU C 69 12.03 -17.69 -13.44
C LEU C 69 11.61 -16.69 -14.51
N GLN C 70 11.19 -15.50 -14.09
CA GLN C 70 10.74 -14.48 -15.04
C GLN C 70 11.83 -13.58 -15.57
N LYS C 71 13.07 -13.79 -15.11
CA LYS C 71 14.19 -12.97 -15.58
C LYS C 71 14.67 -13.44 -16.95
N ASP C 72 15.07 -12.48 -17.78
CA ASP C 72 15.57 -12.79 -19.11
C ASP C 72 17.08 -12.87 -19.02
N ASP C 73 17.56 -13.95 -18.42
CA ASP C 73 18.98 -14.17 -18.24
C ASP C 73 19.25 -15.67 -18.34
N GLU C 74 20.02 -16.06 -19.35
CA GLU C 74 20.33 -17.46 -19.57
C GLU C 74 21.06 -18.10 -18.39
N ASP C 75 21.89 -17.33 -17.70
CA ASP C 75 22.62 -17.88 -16.55
C ASP C 75 21.63 -18.21 -15.44
N THR C 76 20.62 -17.37 -15.28
CA THR C 76 19.60 -17.58 -14.26
C THR C 76 18.77 -18.81 -14.61
N ARG C 77 18.34 -18.91 -15.86
CA ARG C 77 17.52 -20.05 -16.29
C ARG C 77 18.25 -21.38 -16.13
N GLU C 78 19.52 -21.41 -16.52
CA GLU C 78 20.32 -22.62 -16.42
C GLU C 78 20.47 -23.02 -14.95
N ALA C 79 20.55 -22.02 -14.07
CA ALA C 79 20.68 -22.28 -12.63
C ALA C 79 19.38 -22.91 -12.13
N LEU C 80 18.25 -22.44 -12.63
CA LEU C 80 16.96 -22.98 -12.22
C LEU C 80 16.82 -24.41 -12.72
N VAL C 81 17.36 -24.68 -13.91
CA VAL C 81 17.28 -26.02 -14.45
C VAL C 81 18.14 -26.97 -13.61
N LYS C 82 19.28 -26.49 -13.17
CA LYS C 82 20.17 -27.30 -12.32
C LYS C 82 19.45 -27.63 -11.01
N LYS C 83 18.75 -26.65 -10.46
CA LYS C 83 18.05 -26.81 -9.19
C LYS C 83 16.77 -27.65 -9.23
N PHE C 84 15.95 -27.46 -10.27
CA PHE C 84 14.67 -28.15 -10.38
C PHE C 84 14.54 -29.21 -11.46
N GLY C 85 15.45 -29.22 -12.42
CA GLY C 85 15.35 -30.17 -13.52
C GLY C 85 14.55 -29.49 -14.62
N ALA C 86 14.86 -29.78 -15.88
CA ALA C 86 14.17 -29.15 -17.01
C ALA C 86 12.66 -29.34 -17.01
N GLN C 87 12.18 -30.51 -16.61
CA GLN C 87 10.75 -30.78 -16.60
C GLN C 87 10.01 -29.92 -15.57
N ASN C 88 10.52 -29.82 -14.35
CA ASN C 88 9.86 -29.00 -13.34
C ASN C 88 9.85 -27.54 -13.73
N VAL C 89 10.89 -27.08 -14.42
CA VAL C 89 10.95 -25.68 -14.82
C VAL C 89 9.86 -25.40 -15.87
N ALA C 90 9.76 -26.26 -16.87
CA ALA C 90 8.75 -26.10 -17.91
C ALA C 90 7.36 -26.10 -17.28
N ARG C 91 7.13 -27.02 -16.36
CA ARG C 91 5.84 -27.11 -15.70
C ARG C 91 5.56 -25.86 -14.87
N ARG C 92 6.61 -25.27 -14.31
CA ARG C 92 6.41 -24.08 -13.49
C ARG C 92 6.01 -22.90 -14.37
N ILE C 93 6.66 -22.76 -15.52
CA ILE C 93 6.35 -21.68 -16.46
C ILE C 93 4.88 -21.78 -16.88
N GLU C 94 4.44 -22.99 -17.19
CA GLU C 94 3.05 -23.23 -17.59
C GLU C 94 2.09 -22.93 -16.43
N PHE C 95 2.43 -23.42 -15.24
CA PHE C 95 1.61 -23.21 -14.05
C PHE C 95 1.37 -21.74 -13.73
N ARG C 96 2.42 -20.93 -13.84
CA ARG C 96 2.30 -19.52 -13.52
C ARG C 96 1.93 -18.57 -14.67
N LYS C 97 1.81 -19.08 -15.89
CA LYS C 97 1.47 -18.22 -17.01
C LYS C 97 0.08 -17.61 -16.94
N THR D 8 0.49 21.82 23.82
CA THR D 8 0.62 21.27 22.44
C THR D 8 -0.56 21.72 21.57
N ILE D 9 -0.24 22.30 20.41
CA ILE D 9 -1.26 22.78 19.48
C ILE D 9 -1.56 21.69 18.45
N GLY D 10 -2.81 21.23 18.44
CA GLY D 10 -3.21 20.21 17.49
C GLY D 10 -3.03 20.69 16.06
N THR D 13 -5.93 22.74 14.75
CA THR D 13 -6.05 24.00 15.48
C THR D 13 -5.00 24.93 14.89
N LEU D 14 -3.84 24.37 14.60
CA LEU D 14 -2.74 25.14 14.03
C LEU D 14 -3.15 25.68 12.67
N LYS D 15 -3.84 24.86 11.90
CA LYS D 15 -4.30 25.26 10.57
C LYS D 15 -5.30 26.40 10.68
N ALA D 16 -6.26 26.29 11.60
CA ALA D 16 -7.26 27.33 11.79
C ALA D 16 -6.60 28.65 12.20
N ALA D 17 -5.61 28.56 13.08
CA ALA D 17 -4.90 29.75 13.54
C ALA D 17 -4.13 30.38 12.39
N PHE D 18 -3.45 29.55 11.61
CA PHE D 18 -2.69 30.05 10.47
C PHE D 18 -3.61 30.74 9.47
N LYS D 19 -4.73 30.09 9.14
CA LYS D 19 -5.68 30.67 8.19
C LYS D 19 -6.22 32.01 8.70
N THR D 20 -6.54 32.06 9.98
CA THR D 20 -7.08 33.29 10.58
C THR D 20 -6.07 34.42 10.51
N LEU D 21 -4.84 34.16 10.94
CA LEU D 21 -3.80 35.18 10.93
C LEU D 21 -3.32 35.56 9.54
N SER D 22 -3.30 34.58 8.62
CA SER D 22 -2.85 34.84 7.27
C SER D 22 -3.68 35.89 6.53
N GLY D 23 -5.00 35.71 6.55
CA GLY D 23 -5.88 36.63 5.87
C GLY D 23 -5.84 36.53 4.35
N ALA D 24 -5.40 35.39 3.82
CA ALA D 24 -5.33 35.18 2.38
C ALA D 24 -6.24 34.03 1.97
N GLN D 25 -7.00 34.20 0.90
CA GLN D 25 -7.91 33.15 0.47
C GLN D 25 -7.10 31.93 0.03
N ASP D 26 -5.79 32.13 -0.06
CA ASP D 26 -4.82 31.12 -0.46
C ASP D 26 -4.27 30.29 0.72
N SER D 27 -4.62 30.68 1.93
CA SER D 27 -4.14 30.03 3.15
C SER D 27 -4.22 28.50 3.24
N GLU D 28 -5.30 27.92 2.75
CA GLU D 28 -5.48 26.46 2.79
C GLU D 28 -4.33 25.76 2.06
N ALA D 29 -4.08 26.19 0.82
CA ALA D 29 -3.01 25.62 0.00
C ALA D 29 -1.64 25.96 0.58
N ALA D 30 -1.51 27.19 1.11
CA ALA D 30 -0.25 27.63 1.70
C ALA D 30 0.12 26.77 2.91
N PHE D 31 -0.87 26.43 3.71
CA PHE D 31 -0.64 25.60 4.91
C PHE D 31 -0.20 24.20 4.48
N ALA D 32 -0.85 23.68 3.45
CA ALA D 32 -0.53 22.37 2.94
C ALA D 32 0.91 22.33 2.47
N LYS D 33 1.38 23.44 1.88
CA LYS D 33 2.76 23.52 1.39
C LYS D 33 3.77 23.54 2.55
N LEU D 34 3.40 24.19 3.65
CA LEU D 34 4.28 24.26 4.82
C LEU D 34 4.42 22.87 5.45
N ASP D 35 3.35 22.09 5.40
CA ASP D 35 3.36 20.75 5.97
C ASP D 35 4.12 19.80 5.06
N GLN D 36 4.02 20.05 3.76
CA GLN D 36 4.68 19.24 2.74
C GLN D 36 6.19 19.47 2.65
N LYS D 37 6.61 20.73 2.69
CA LYS D 37 8.03 21.06 2.56
C LYS D 37 8.81 21.03 3.86
N ASP D 38 10.05 20.55 3.79
CA ASP D 38 10.90 20.51 4.98
C ASP D 38 11.29 21.92 5.37
N LEU D 39 11.47 22.14 6.67
CA LEU D 39 11.84 23.45 7.19
C LEU D 39 13.34 23.71 7.11
N VAL D 40 13.71 24.83 6.50
CA VAL D 40 15.11 25.21 6.38
C VAL D 40 15.31 26.63 6.93
N THR E 7 -8.67 11.59 -19.10
CA THR E 7 -7.36 10.91 -18.98
C THR E 7 -7.39 9.88 -17.85
N THR E 8 -7.06 8.63 -18.18
CA THR E 8 -7.08 7.57 -17.19
C THR E 8 -5.99 6.54 -17.41
N ILE E 9 -5.31 6.15 -16.34
CA ILE E 9 -4.24 5.16 -16.42
C ILE E 9 -4.85 3.82 -16.01
N GLY E 10 -4.82 2.85 -16.93
CA GLY E 10 -5.36 1.53 -16.64
C GLY E 10 -4.60 0.82 -15.54
N THR E 13 -1.42 -0.89 -16.69
CA THR E 13 -0.44 0.10 -17.15
C THR E 13 0.20 0.68 -15.89
N LEU E 14 -0.64 0.95 -14.88
CA LEU E 14 -0.16 1.48 -13.61
C LEU E 14 0.82 0.48 -12.97
N LYS E 15 0.48 -0.79 -13.01
CA LYS E 15 1.33 -1.82 -12.44
C LYS E 15 2.68 -1.91 -13.15
N ALA E 16 2.66 -1.81 -14.47
CA ALA E 16 3.89 -1.89 -15.25
C ALA E 16 4.78 -0.71 -14.91
N ALA E 17 4.19 0.46 -14.78
CA ALA E 17 4.95 1.66 -14.45
C ALA E 17 5.57 1.50 -13.08
N PHE E 18 4.76 1.04 -12.13
CA PHE E 18 5.22 0.82 -10.76
C PHE E 18 6.39 -0.16 -10.69
N LYS E 19 6.27 -1.29 -11.38
CA LYS E 19 7.33 -2.29 -11.36
C LYS E 19 8.59 -1.77 -12.01
N THR E 20 8.44 -0.89 -13.00
CA THR E 20 9.58 -0.31 -13.69
C THR E 20 10.37 0.60 -12.75
N LEU E 21 9.65 1.40 -11.98
CA LEU E 21 10.26 2.35 -11.05
C LEU E 21 10.57 1.84 -9.65
N SER E 22 9.92 0.76 -9.24
CA SER E 22 10.10 0.21 -7.90
C SER E 22 11.46 -0.40 -7.60
N GLY E 23 11.93 -0.18 -6.37
CA GLY E 23 13.21 -0.74 -5.95
C GLY E 23 13.02 -1.96 -5.05
N ALA E 24 11.77 -2.41 -4.92
CA ALA E 24 11.48 -3.57 -4.08
C ALA E 24 12.03 -4.85 -4.69
N GLN E 25 12.42 -5.82 -3.86
CA GLN E 25 12.93 -7.07 -4.41
C GLN E 25 11.78 -7.88 -5.01
N ASP E 26 10.57 -7.65 -4.50
CA ASP E 26 9.38 -8.34 -4.99
C ASP E 26 8.36 -7.23 -5.29
N SER E 27 8.48 -6.61 -6.45
CA SER E 27 7.59 -5.51 -6.81
C SER E 27 6.17 -5.98 -7.08
N GLU E 28 6.03 -7.24 -7.50
CA GLU E 28 4.71 -7.80 -7.76
C GLU E 28 3.95 -7.79 -6.43
N ALA E 29 4.60 -8.31 -5.39
CA ALA E 29 4.02 -8.36 -4.06
C ALA E 29 3.82 -6.95 -3.49
N ALA E 30 4.75 -6.05 -3.79
CA ALA E 30 4.62 -4.68 -3.29
C ALA E 30 3.36 -4.01 -3.86
N PHE E 31 3.13 -4.21 -5.15
CA PHE E 31 1.97 -3.62 -5.83
C PHE E 31 0.67 -4.22 -5.27
N ALA E 32 0.66 -5.54 -5.07
CA ALA E 32 -0.53 -6.20 -4.52
C ALA E 32 -0.87 -5.60 -3.16
N LYS E 33 0.17 -5.34 -2.38
CA LYS E 33 0.00 -4.76 -1.06
C LYS E 33 -0.65 -3.38 -1.15
N LEU E 34 -0.17 -2.58 -2.09
CA LEU E 34 -0.72 -1.24 -2.30
C LEU E 34 -2.19 -1.30 -2.68
N ASP E 35 -2.57 -2.30 -3.48
CA ASP E 35 -3.95 -2.47 -3.90
C ASP E 35 -4.82 -2.97 -2.76
N GLN E 36 -4.24 -3.79 -1.90
CA GLN E 36 -4.95 -4.36 -0.75
C GLN E 36 -5.14 -3.37 0.40
N LYS E 37 -4.09 -2.61 0.71
CA LYS E 37 -4.16 -1.67 1.83
C LYS E 37 -4.85 -0.36 1.49
N ASP E 38 -5.64 0.15 2.42
CA ASP E 38 -6.33 1.42 2.19
C ASP E 38 -5.30 2.55 2.25
N LEU E 39 -5.56 3.62 1.50
CA LEU E 39 -4.64 4.74 1.42
C LEU E 39 -4.67 5.67 2.63
N VAL E 40 -3.47 6.00 3.11
CA VAL E 40 -3.29 6.91 4.23
C VAL E 40 -2.17 7.87 3.78
N LEU E 41 -2.51 9.14 3.65
CA LEU E 41 -1.50 10.13 3.24
C LEU E 41 -0.66 10.50 4.45
N PRO E 42 0.59 10.93 4.22
CA PRO E 42 1.51 11.33 5.29
C PRO E 42 0.80 12.09 6.41
N THR F 7 -2.01 -35.70 -13.18
CA THR F 7 -3.14 -34.83 -12.76
C THR F 7 -2.62 -33.50 -12.20
N THR F 8 -3.05 -32.40 -12.80
CA THR F 8 -2.64 -31.07 -12.38
C THR F 8 -3.80 -30.11 -12.13
N ILE F 9 -3.78 -29.45 -10.98
CA ILE F 9 -4.81 -28.47 -10.65
C ILE F 9 -4.26 -27.10 -11.02
N GLY F 10 -4.87 -26.48 -12.02
CA GLY F 10 -4.42 -25.16 -12.46
C GLY F 10 -4.41 -24.16 -11.32
N THR F 13 -7.75 -22.51 -10.91
CA THR F 13 -8.78 -23.44 -10.44
C THR F 13 -8.54 -23.61 -8.94
N LEU F 14 -7.27 -23.63 -8.57
CA LEU F 14 -6.88 -23.80 -7.17
C LEU F 14 -7.35 -22.59 -6.37
N LYS F 15 -7.23 -21.42 -6.98
CA LYS F 15 -7.64 -20.16 -6.35
C LYS F 15 -9.15 -20.15 -6.14
N ALA F 16 -9.90 -20.55 -7.17
CA ALA F 16 -11.35 -20.60 -7.10
C ALA F 16 -11.75 -21.54 -5.97
N ALA F 17 -11.09 -22.70 -5.93
CA ALA F 17 -11.37 -23.70 -4.91
C ALA F 17 -11.13 -23.11 -3.53
N PHE F 18 -9.96 -22.50 -3.33
CA PHE F 18 -9.60 -21.89 -2.06
C PHE F 18 -10.59 -20.81 -1.60
N LYS F 19 -10.97 -19.92 -2.50
CA LYS F 19 -11.89 -18.84 -2.14
C LYS F 19 -13.26 -19.40 -1.78
N THR F 20 -13.60 -20.55 -2.36
CA THR F 20 -14.89 -21.17 -2.07
C THR F 20 -14.89 -21.68 -0.64
N LEU F 21 -13.79 -22.32 -0.25
CA LEU F 21 -13.65 -22.92 1.07
C LEU F 21 -13.11 -22.02 2.18
N SER F 22 -12.44 -20.92 1.82
CA SER F 22 -11.85 -20.04 2.82
C SER F 22 -12.83 -19.22 3.63
N GLY F 23 -12.53 -19.06 4.91
CA GLY F 23 -13.40 -18.27 5.77
C GLY F 23 -12.83 -16.88 5.96
N ALA F 24 -11.76 -16.58 5.23
CA ALA F 24 -11.09 -15.28 5.32
C ALA F 24 -11.97 -14.13 4.86
N GLN F 25 -11.82 -12.99 5.53
CA GLN F 25 -12.57 -11.79 5.22
C GLN F 25 -12.18 -11.30 3.82
N ASP F 26 -10.91 -11.50 3.47
CA ASP F 26 -10.36 -11.12 2.18
C ASP F 26 -9.60 -12.34 1.67
N SER F 27 -10.33 -13.28 1.08
CA SER F 27 -9.74 -14.52 0.58
C SER F 27 -8.75 -14.32 -0.57
N GLU F 28 -8.99 -13.31 -1.39
CA GLU F 28 -8.09 -13.03 -2.52
C GLU F 28 -6.71 -12.69 -1.95
N ALA F 29 -6.70 -11.85 -0.92
CA ALA F 29 -5.45 -11.45 -0.27
C ALA F 29 -4.81 -12.65 0.41
N ALA F 30 -5.64 -13.45 1.09
CA ALA F 30 -5.14 -14.63 1.78
C ALA F 30 -4.43 -15.56 0.78
N PHE F 31 -5.02 -15.75 -0.40
CA PHE F 31 -4.43 -16.62 -1.41
C PHE F 31 -3.12 -16.03 -1.93
N ALA F 32 -3.11 -14.73 -2.18
CA ALA F 32 -1.90 -14.08 -2.66
C ALA F 32 -0.79 -14.27 -1.62
N LYS F 33 -1.12 -14.18 -0.34
CA LYS F 33 -0.13 -14.37 0.71
C LYS F 33 0.42 -15.79 0.72
N LEU F 34 -0.44 -16.78 0.44
CA LEU F 34 0.03 -18.17 0.40
C LEU F 34 1.00 -18.37 -0.78
N ASP F 35 0.74 -17.66 -1.87
CA ASP F 35 1.58 -17.76 -3.06
C ASP F 35 2.92 -17.04 -2.84
N GLN F 36 2.87 -15.91 -2.15
CA GLN F 36 4.07 -15.12 -1.89
C GLN F 36 5.03 -15.71 -0.86
N LYS F 37 4.50 -16.30 0.20
CA LYS F 37 5.32 -16.85 1.29
C LYS F 37 5.74 -18.30 1.11
N ASP F 38 7.00 -18.59 1.39
CA ASP F 38 7.55 -19.94 1.26
C ASP F 38 7.02 -20.89 2.32
N LEU F 39 7.13 -22.19 2.02
CA LEU F 39 6.72 -23.31 2.88
C LEU F 39 5.53 -24.09 2.32
#